data_5VX8
#
_entry.id   5VX8
#
_cell.length_a   27.790
_cell.length_b   43.100
_cell.length_c   65.740
_cell.angle_alpha   94.86
_cell.angle_beta   99.40
_cell.angle_gamma   90.22
#
_symmetry.space_group_name_H-M   'P 1'
#
loop_
_entity.id
_entity.type
_entity.pdbx_description
1 polymer 'Outer capsid protein VP4'
2 non-polymer 'SULFATE ION'
3 water water
#
_entity_poly.entity_id   1
_entity_poly.type   'polypeptide(L)'
_entity_poly.pdbx_seq_one_letter_code
;GSLDGPYQSTSFKPPSDYWILLNPTNQQVVLEGTNKTDIWVALLLVEPNVTNQSRQYTLFGETKQITVENNTNKWKFFEM
FRSSVSAEFQHKRTLTSDTKLAGFLKHYNSVWTFHGETPHATTDYSSTSNLSEVETTIHVEFYIIPRSQESKCVEYINTG
L
;
_entity_poly.pdbx_strand_id   A,B
#
loop_
_chem_comp.id
_chem_comp.type
_chem_comp.name
_chem_comp.formula
SO4 non-polymer 'SULFATE ION' 'O4 S -2'
#
# COMPACT_ATOMS: atom_id res chain seq x y z
N LEU A 3 13.30 -26.16 -7.91
CA LEU A 3 12.20 -26.96 -8.42
C LEU A 3 11.79 -26.38 -9.77
N ASP A 4 10.83 -25.48 -9.78
CA ASP A 4 10.51 -24.74 -10.99
C ASP A 4 11.69 -23.83 -11.34
N GLY A 5 12.28 -24.06 -12.52
CA GLY A 5 13.61 -23.61 -12.82
C GLY A 5 13.83 -22.11 -12.83
N PRO A 6 15.02 -21.70 -13.27
CA PRO A 6 15.43 -20.29 -13.12
C PRO A 6 14.47 -19.32 -13.78
N TYR A 7 13.86 -18.47 -12.96
CA TYR A 7 13.05 -17.37 -13.44
C TYR A 7 13.93 -16.12 -13.56
N GLN A 8 13.78 -15.39 -14.66
CA GLN A 8 14.47 -14.11 -14.79
C GLN A 8 13.83 -13.07 -13.89
N SER A 9 14.63 -12.08 -13.49
CA SER A 9 14.16 -11.02 -12.62
C SER A 9 12.94 -10.33 -13.23
N THR A 10 11.92 -10.08 -12.40
CA THR A 10 10.67 -9.52 -12.87
C THR A 10 9.90 -8.94 -11.70
N SER A 11 8.84 -8.20 -12.01
CA SER A 11 7.93 -7.62 -11.03
C SER A 11 6.57 -8.28 -11.19
N PHE A 12 6.10 -8.94 -10.13
CA PHE A 12 4.83 -9.67 -10.20
C PHE A 12 4.29 -9.88 -8.79
N LYS A 13 2.99 -10.19 -8.73
CA LYS A 13 2.37 -10.58 -7.49
C LYS A 13 2.45 -12.09 -7.37
N PRO A 14 3.27 -12.64 -6.48
CA PRO A 14 3.39 -14.09 -6.37
C PRO A 14 2.10 -14.70 -5.87
N PRO A 15 1.69 -15.85 -6.42
CA PRO A 15 0.55 -16.57 -5.84
C PRO A 15 0.86 -17.04 -4.43
N SER A 16 -0.17 -17.06 -3.61
CA SER A 16 -0.01 -17.50 -2.23
C SER A 16 0.42 -18.97 -2.16
N ASP A 17 1.06 -19.31 -1.04
CA ASP A 17 1.50 -20.68 -0.74
C ASP A 17 2.54 -21.19 -1.73
N TYR A 18 3.35 -20.28 -2.28
CA TYR A 18 4.52 -20.62 -3.08
C TYR A 18 5.72 -19.86 -2.55
N TRP A 19 6.77 -20.58 -2.21
CA TRP A 19 8.02 -19.96 -1.81
C TRP A 19 8.76 -19.43 -3.03
N ILE A 20 9.10 -18.15 -3.01
CA ILE A 20 10.05 -17.58 -3.97
C ILE A 20 11.44 -17.75 -3.38
N LEU A 21 12.30 -18.49 -4.09
CA LEU A 21 13.67 -18.75 -3.65
C LEU A 21 14.61 -17.93 -4.50
N LEU A 22 15.10 -16.83 -3.93
CA LEU A 22 15.97 -15.91 -4.65
C LEU A 22 17.37 -16.48 -4.73
N ASN A 23 18.01 -16.33 -5.89
CA ASN A 23 19.34 -16.85 -6.15
C ASN A 23 20.26 -15.71 -6.59
N PRO A 24 20.58 -14.78 -5.69
CA PRO A 24 21.44 -13.66 -6.07
C PRO A 24 22.91 -14.05 -6.09
N THR A 25 23.68 -13.27 -6.85
CA THR A 25 25.12 -13.46 -6.96
C THR A 25 25.92 -12.33 -6.31
N ASN A 26 25.45 -11.09 -6.45
CA ASN A 26 26.18 -9.93 -5.99
C ASN A 26 25.36 -9.17 -4.96
N GLN A 27 26.06 -8.45 -4.09
CA GLN A 27 25.40 -7.61 -3.09
C GLN A 27 24.44 -6.65 -3.78
N GLN A 28 23.24 -6.51 -3.22
CA GLN A 28 22.15 -5.91 -3.97
C GLN A 28 20.93 -5.73 -3.09
N VAL A 29 20.04 -4.85 -3.55
CA VAL A 29 18.63 -4.92 -3.17
C VAL A 29 18.06 -6.06 -4.02
N VAL A 30 17.70 -7.17 -3.39
CA VAL A 30 17.25 -8.33 -4.15
C VAL A 30 15.74 -8.44 -4.24
N LEU A 31 14.99 -7.81 -3.35
CA LEU A 31 13.54 -7.89 -3.40
C LEU A 31 12.96 -6.61 -2.80
N GLU A 32 11.90 -6.12 -3.44
CA GLU A 32 11.04 -5.09 -2.86
C GLU A 32 9.61 -5.58 -2.96
N GLY A 33 8.92 -5.65 -1.82
CA GLY A 33 7.56 -6.13 -1.79
C GLY A 33 6.64 -5.24 -0.99
N THR A 34 5.49 -4.89 -1.56
CA THR A 34 4.52 -4.08 -0.84
C THR A 34 3.16 -4.24 -1.50
N ASN A 35 2.12 -3.94 -0.72
CA ASN A 35 0.77 -3.75 -1.24
C ASN A 35 0.34 -2.29 -1.19
N LYS A 36 1.28 -1.39 -0.87
CA LYS A 36 1.09 0.06 -0.83
C LYS A 36 0.11 0.49 0.25
N THR A 37 -0.25 -0.40 1.17
CA THR A 37 -1.15 -0.04 2.28
C THR A 37 -0.47 -0.19 3.61
N ASP A 38 -0.12 -1.42 4.04
CA ASP A 38 0.34 -1.63 5.41
C ASP A 38 1.60 -2.48 5.52
N ILE A 39 2.24 -2.83 4.41
CA ILE A 39 3.44 -3.66 4.46
C ILE A 39 4.41 -3.22 3.38
N TRP A 40 5.66 -2.95 3.77
CA TRP A 40 6.76 -2.74 2.85
C TRP A 40 7.93 -3.58 3.34
N VAL A 41 8.42 -4.49 2.49
CA VAL A 41 9.51 -5.38 2.85
C VAL A 41 10.58 -5.29 1.77
N ALA A 42 11.84 -5.24 2.19
CA ALA A 42 12.97 -5.21 1.27
C ALA A 42 14.10 -6.04 1.84
N LEU A 43 14.69 -6.89 1.00
CA LEU A 43 15.83 -7.71 1.35
C LEU A 43 17.08 -7.12 0.69
N LEU A 44 18.05 -6.71 1.50
CA LEU A 44 19.31 -6.18 1.00
C LEU A 44 20.40 -7.21 1.22
N LEU A 45 21.09 -7.59 0.14
CA LEU A 45 22.19 -8.53 0.24
C LEU A 45 23.48 -7.79 0.53
N VAL A 46 24.17 -8.21 1.59
CA VAL A 46 25.42 -7.60 2.03
C VAL A 46 26.51 -8.66 1.93
N GLU A 47 27.56 -8.35 1.17
CA GLU A 47 28.64 -9.29 0.94
C GLU A 47 29.46 -9.55 2.21
N PRO A 48 30.24 -10.62 2.25
CA PRO A 48 31.03 -10.91 3.45
C PRO A 48 32.06 -9.82 3.72
N ASN A 49 32.42 -9.71 5.00
CA ASN A 49 33.51 -8.85 5.45
C ASN A 49 33.27 -7.40 5.03
N VAL A 50 32.26 -6.82 5.66
CA VAL A 50 31.84 -5.44 5.43
C VAL A 50 31.85 -4.72 6.76
N THR A 51 32.70 -3.73 6.88
CA THR A 51 32.82 -2.90 8.05
C THR A 51 31.64 -2.00 8.15
N ASN A 52 31.20 -1.68 9.36
CA ASN A 52 30.00 -0.87 9.58
C ASN A 52 30.10 0.42 8.84
N GLN A 53 29.14 0.64 7.94
CA GLN A 53 29.11 1.74 7.05
C GLN A 53 27.69 1.98 6.48
N SER A 54 27.41 3.17 6.09
CA SER A 54 26.10 3.54 5.56
C SER A 54 26.12 3.49 4.05
N ARG A 55 25.39 2.54 3.47
CA ARG A 55 25.31 2.35 2.03
C ARG A 55 23.97 2.89 1.52
N GLN A 56 23.98 3.30 0.26
CA GLN A 56 22.81 3.92 -0.36
C GLN A 56 22.02 2.88 -1.17
N TYR A 57 20.72 2.79 -0.89
CA TYR A 57 19.82 1.88 -1.57
C TYR A 57 18.61 2.62 -2.10
N THR A 58 18.04 2.12 -3.20
CA THR A 58 16.78 2.62 -3.74
C THR A 58 15.68 1.63 -3.36
N LEU A 59 14.73 2.09 -2.54
CA LEU A 59 13.61 1.26 -2.08
C LEU A 59 12.30 1.94 -2.45
N PHE A 60 11.54 1.30 -3.34
CA PHE A 60 10.22 1.79 -3.75
C PHE A 60 10.32 3.22 -4.30
N GLY A 61 11.37 3.48 -5.07
CA GLY A 61 11.56 4.79 -5.66
C GLY A 61 12.12 5.83 -4.73
N GLU A 62 12.53 5.45 -3.52
CA GLU A 62 13.07 6.38 -2.54
C GLU A 62 14.54 6.07 -2.29
N THR A 63 15.35 7.12 -2.21
CA THR A 63 16.78 7.00 -1.94
C THR A 63 17.00 6.98 -0.44
N LYS A 64 17.55 5.89 0.07
CA LYS A 64 17.71 5.67 1.50
C LYS A 64 19.15 5.35 1.84
N GLN A 65 19.62 5.87 2.97
CA GLN A 65 20.92 5.52 3.52
C GLN A 65 20.68 4.51 4.65
N ILE A 66 21.33 3.35 4.56
CA ILE A 66 21.16 2.26 5.51
C ILE A 66 22.54 1.83 6.00
N THR A 67 22.74 1.83 7.32
CA THR A 67 24.00 1.39 7.90
C THR A 67 24.05 -0.12 7.91
N VAL A 68 25.04 -0.69 7.22
CA VAL A 68 25.19 -2.14 7.11
C VAL A 68 26.54 -2.55 7.68
N GLU A 69 26.58 -3.77 8.22
CA GLU A 69 27.81 -4.36 8.73
C GLU A 69 27.74 -5.87 8.58
N ASN A 70 28.88 -6.48 8.23
CA ASN A 70 28.94 -7.93 8.11
C ASN A 70 30.36 -8.35 8.49
N ASN A 71 30.55 -8.74 9.75
CA ASN A 71 31.85 -9.16 10.26
C ASN A 71 32.15 -10.64 10.02
N THR A 72 31.36 -11.31 9.18
CA THR A 72 31.53 -12.73 8.94
C THR A 72 31.98 -12.99 7.51
N ASN A 73 32.38 -14.23 7.25
CA ASN A 73 32.67 -14.69 5.91
C ASN A 73 31.42 -15.10 5.14
N LYS A 74 30.26 -15.08 5.78
CA LYS A 74 29.01 -15.42 5.15
C LYS A 74 28.31 -14.17 4.64
N TRP A 75 27.27 -14.38 3.84
CA TRP A 75 26.43 -13.29 3.34
C TRP A 75 25.30 -13.03 4.32
N LYS A 76 24.90 -11.76 4.41
CA LYS A 76 23.78 -11.38 5.26
C LYS A 76 22.70 -10.71 4.41
N PHE A 77 21.46 -11.16 4.58
CA PHE A 77 20.29 -10.54 3.97
C PHE A 77 19.64 -9.65 5.03
N PHE A 78 19.70 -8.33 4.82
CA PHE A 78 19.02 -7.39 5.70
C PHE A 78 17.54 -7.32 5.32
N GLU A 79 16.66 -7.64 6.28
CA GLU A 79 15.22 -7.51 6.06
C GLU A 79 14.76 -6.15 6.59
N MET A 80 14.62 -5.19 5.68
CA MET A 80 14.09 -3.86 6.00
C MET A 80 12.57 -3.87 5.93
N PHE A 81 11.93 -3.22 6.89
CA PHE A 81 10.48 -3.33 7.02
C PHE A 81 9.88 -2.03 7.50
N ARG A 82 8.71 -1.71 6.97
CA ARG A 82 7.91 -0.60 7.48
C ARG A 82 6.45 -0.94 7.22
N SER A 83 5.57 -0.47 8.11
CA SER A 83 4.14 -0.72 7.98
C SER A 83 3.37 0.48 7.43
N SER A 84 4.03 1.63 7.27
CA SER A 84 3.40 2.83 6.74
C SER A 84 4.37 3.52 5.80
N VAL A 85 3.84 4.00 4.67
CA VAL A 85 4.68 4.62 3.64
C VAL A 85 5.43 5.82 4.19
N SER A 86 4.86 6.51 5.18
CA SER A 86 5.46 7.71 5.74
C SER A 86 6.65 7.41 6.64
N ALA A 87 6.80 6.17 7.10
CA ALA A 87 7.83 5.81 8.07
C ALA A 87 9.14 5.49 7.37
N GLU A 88 10.22 5.45 8.16
CA GLU A 88 11.51 4.98 7.70
C GLU A 88 11.62 3.48 7.87
N PHE A 89 12.45 2.86 7.05
CA PHE A 89 12.61 1.41 7.12
C PHE A 89 13.42 1.03 8.36
N GLN A 90 13.04 -0.10 8.96
CA GLN A 90 13.74 -0.64 10.12
C GLN A 90 14.38 -1.97 9.76
N HIS A 91 15.54 -2.24 10.35
CA HIS A 91 16.22 -3.52 10.16
C HIS A 91 15.55 -4.54 11.06
N LYS A 92 14.59 -5.28 10.51
CA LYS A 92 13.73 -6.13 11.32
C LYS A 92 14.38 -7.47 11.62
N ARG A 93 14.87 -8.16 10.58
CA ARG A 93 15.51 -9.47 10.75
C ARG A 93 16.71 -9.56 9.83
N THR A 94 17.48 -10.64 10.00
CA THR A 94 18.71 -10.85 9.24
C THR A 94 18.89 -12.33 8.95
N LEU A 95 19.27 -12.63 7.70
CA LEU A 95 19.60 -13.99 7.27
C LEU A 95 21.09 -14.04 6.97
N THR A 96 21.85 -14.69 7.84
CA THR A 96 23.29 -14.88 7.64
C THR A 96 23.50 -16.22 6.94
N SER A 97 24.10 -16.19 5.75
CA SER A 97 24.03 -17.33 4.85
C SER A 97 25.34 -17.55 4.12
N ASP A 98 25.72 -18.81 4.00
CA ASP A 98 26.77 -19.23 3.07
C ASP A 98 26.19 -19.78 1.78
N THR A 99 24.88 -20.01 1.73
CA THR A 99 24.23 -20.47 0.52
C THR A 99 23.89 -19.34 -0.43
N LYS A 100 23.75 -18.12 0.08
CA LYS A 100 23.30 -16.95 -0.66
C LYS A 100 21.92 -17.14 -1.27
N LEU A 101 21.05 -17.91 -0.63
CA LEU A 101 19.66 -17.99 -1.05
C LEU A 101 18.79 -17.36 0.01
N ALA A 102 17.69 -16.75 -0.44
CA ALA A 102 16.70 -16.16 0.45
C ALA A 102 15.32 -16.63 0.01
N GLY A 103 14.32 -16.35 0.85
CA GLY A 103 12.98 -16.82 0.61
C GLY A 103 11.94 -15.74 0.83
N PHE A 104 10.86 -15.83 0.07
CA PHE A 104 9.69 -14.97 0.19
C PHE A 104 8.44 -15.80 -0.02
N LEU A 105 7.51 -15.74 0.92
CA LEU A 105 6.28 -16.52 0.81
C LEU A 105 5.10 -15.72 1.33
N LYS A 106 4.01 -15.72 0.56
CA LYS A 106 2.73 -15.16 0.98
C LYS A 106 1.86 -16.30 1.48
N HIS A 107 1.48 -16.25 2.76
CA HIS A 107 0.66 -17.32 3.31
C HIS A 107 -0.18 -16.83 4.47
N TYR A 108 -1.49 -17.06 4.37
CA TYR A 108 -2.45 -16.88 5.47
C TYR A 108 -2.28 -15.53 6.15
N ASN A 109 -2.55 -14.47 5.38
CA ASN A 109 -2.57 -13.09 5.84
C ASN A 109 -1.21 -12.58 6.31
N SER A 110 -0.13 -13.32 6.05
CA SER A 110 1.20 -12.89 6.47
C SER A 110 2.20 -13.12 5.35
N VAL A 111 3.31 -12.39 5.41
CA VAL A 111 4.44 -12.52 4.49
C VAL A 111 5.57 -13.19 5.25
N TRP A 112 6.04 -14.33 4.74
CA TRP A 112 7.03 -15.15 5.41
C TRP A 112 8.40 -15.00 4.74
N THR A 113 9.44 -14.83 5.55
CA THR A 113 10.82 -14.82 5.10
C THR A 113 11.64 -15.76 5.99
N PHE A 114 12.92 -15.88 5.70
CA PHE A 114 13.85 -16.69 6.48
C PHE A 114 14.82 -15.78 7.24
N HIS A 115 15.14 -16.16 8.47
CA HIS A 115 16.16 -15.48 9.25
C HIS A 115 16.93 -16.52 10.04
N GLY A 116 17.90 -16.05 10.82
CA GLY A 116 18.86 -16.94 11.48
C GLY A 116 20.11 -17.10 10.66
N GLU A 117 20.88 -18.14 10.98
CA GLU A 117 22.14 -18.42 10.30
C GLU A 117 22.13 -19.86 9.77
N THR A 118 22.54 -20.03 8.52
CA THR A 118 22.64 -21.34 7.93
C THR A 118 23.71 -22.17 8.65
N PRO A 119 23.53 -23.49 8.76
CA PRO A 119 22.39 -24.24 8.20
C PRO A 119 21.20 -24.39 9.16
N HIS A 120 20.98 -23.39 10.02
CA HIS A 120 19.89 -23.44 10.99
C HIS A 120 18.92 -22.28 10.79
N ALA A 121 18.81 -21.79 9.56
CA ALA A 121 17.91 -20.68 9.28
C ALA A 121 16.47 -21.15 9.34
N THR A 122 15.60 -20.30 9.88
CA THR A 122 14.20 -20.63 10.09
C THR A 122 13.31 -19.54 9.52
N THR A 123 12.02 -19.84 9.45
CA THR A 123 11.05 -18.91 8.89
C THR A 123 10.43 -18.04 9.98
N ASP A 124 10.00 -16.85 9.58
CA ASP A 124 9.22 -15.95 10.42
C ASP A 124 8.33 -15.13 9.48
N TYR A 125 7.38 -14.39 10.07
CA TYR A 125 6.35 -13.74 9.26
C TYR A 125 6.10 -12.32 9.74
N SER A 126 5.40 -11.56 8.89
CA SER A 126 4.87 -10.25 9.23
C SER A 126 3.42 -10.21 8.74
N SER A 127 2.53 -9.68 9.59
CA SER A 127 1.11 -9.67 9.27
C SER A 127 0.75 -8.52 8.34
N THR A 128 -0.27 -8.75 7.51
CA THR A 128 -0.84 -7.72 6.66
C THR A 128 -2.34 -7.91 6.55
N SER A 129 -3.06 -6.81 6.35
CA SER A 129 -4.50 -6.86 6.18
C SER A 129 -4.93 -7.04 4.73
N ASN A 130 -4.00 -6.92 3.77
CA ASN A 130 -4.30 -7.17 2.36
C ASN A 130 -3.10 -7.92 1.76
N LEU A 131 -3.07 -9.24 2.01
CA LEU A 131 -1.98 -10.07 1.52
C LEU A 131 -2.01 -10.19 0.00
N SER A 132 -3.20 -10.38 -0.56
CA SER A 132 -3.33 -10.70 -1.98
C SER A 132 -2.70 -9.65 -2.88
N GLU A 133 -2.62 -8.40 -2.41
CA GLU A 133 -2.14 -7.28 -3.21
C GLU A 133 -0.68 -6.94 -2.97
N VAL A 134 0.07 -7.77 -2.27
CA VAL A 134 1.49 -7.54 -2.07
C VAL A 134 2.22 -7.94 -3.34
N GLU A 135 2.91 -6.98 -3.96
CA GLU A 135 3.61 -7.20 -5.21
C GLU A 135 5.12 -7.13 -4.96
N THR A 136 5.87 -8.02 -5.63
CA THR A 136 7.31 -8.12 -5.41
C THR A 136 8.06 -7.79 -6.68
N THR A 137 9.09 -6.95 -6.55
CA THR A 137 10.07 -6.73 -7.60
C THR A 137 11.30 -7.56 -7.23
N ILE A 138 11.44 -8.71 -7.88
CA ILE A 138 12.59 -9.58 -7.67
C ILE A 138 13.69 -9.11 -8.62
N HIS A 139 14.79 -8.61 -8.04
CA HIS A 139 15.88 -8.05 -8.84
C HIS A 139 16.80 -9.12 -9.42
N VAL A 140 16.69 -10.37 -8.96
CA VAL A 140 17.65 -11.41 -9.30
C VAL A 140 16.90 -12.64 -9.81
N GLU A 141 17.67 -13.61 -10.27
CA GLU A 141 17.14 -14.90 -10.66
C GLU A 141 16.51 -15.60 -9.46
N PHE A 142 15.41 -16.30 -9.68
CA PHE A 142 14.72 -16.96 -8.58
C PHE A 142 14.02 -18.21 -9.06
N TYR A 143 13.66 -19.05 -8.10
CA TYR A 143 12.87 -20.26 -8.31
C TYR A 143 11.57 -20.15 -7.52
N ILE A 144 10.64 -21.04 -7.82
CA ILE A 144 9.36 -21.11 -7.12
C ILE A 144 9.18 -22.52 -6.58
N ILE A 145 8.89 -22.62 -5.28
CA ILE A 145 8.65 -23.91 -4.62
C ILE A 145 7.36 -23.81 -3.81
N PRO A 146 6.42 -24.75 -4.01
CA PRO A 146 5.16 -24.69 -3.25
C PRO A 146 5.38 -24.92 -1.77
N ARG A 147 4.46 -24.36 -0.96
CA ARG A 147 4.53 -24.60 0.48
C ARG A 147 4.26 -26.06 0.81
N SER A 148 3.59 -26.79 -0.08
CA SER A 148 3.43 -28.23 0.12
C SER A 148 4.75 -28.98 0.02
N GLN A 149 5.83 -28.28 -0.32
CA GLN A 149 7.18 -28.83 -0.29
C GLN A 149 8.12 -27.90 0.45
N GLU A 150 7.60 -27.20 1.46
CA GLU A 150 8.40 -26.22 2.20
C GLU A 150 9.66 -26.84 2.79
N SER A 151 9.60 -28.13 3.16
CA SER A 151 10.79 -28.80 3.69
C SER A 151 11.92 -28.82 2.69
N LYS A 152 11.60 -28.93 1.40
CA LYS A 152 12.64 -28.79 0.38
C LYS A 152 13.22 -27.39 0.38
N CYS A 153 12.37 -26.36 0.48
CA CYS A 153 12.88 -24.99 0.43
C CYS A 153 13.75 -24.69 1.66
N VAL A 154 13.37 -25.19 2.84
CA VAL A 154 14.24 -25.09 4.02
C VAL A 154 15.60 -25.72 3.74
N GLU A 155 15.59 -26.89 3.10
CA GLU A 155 16.84 -27.55 2.70
C GLU A 155 17.72 -26.64 1.88
N TYR A 156 17.16 -26.11 0.78
CA TYR A 156 17.93 -25.26 -0.11
C TYR A 156 18.44 -24.01 0.60
N ILE A 157 17.59 -23.40 1.43
CA ILE A 157 17.99 -22.19 2.15
C ILE A 157 19.25 -22.43 2.97
N ASN A 158 19.32 -23.58 3.64
CA ASN A 158 20.37 -23.85 4.61
C ASN A 158 21.60 -24.54 4.01
N THR A 159 21.43 -25.33 2.96
CA THR A 159 22.55 -26.08 2.40
C THR A 159 22.69 -25.96 0.88
N GLY A 160 21.86 -25.14 0.24
CA GLY A 160 22.02 -24.85 -1.17
C GLY A 160 21.22 -25.78 -2.07
N LEU A 161 21.20 -25.42 -3.36
CA LEU A 161 20.47 -26.20 -4.35
C LEU A 161 21.20 -27.49 -4.70
N LEU B 3 -7.16 -1.89 -11.37
CA LEU B 3 -5.81 -2.45 -11.41
C LEU B 3 -5.47 -3.25 -10.15
N ASP B 4 -4.89 -2.62 -9.13
CA ASP B 4 -4.66 -3.33 -7.88
C ASP B 4 -6.00 -3.67 -7.25
N GLY B 5 -6.29 -4.97 -7.13
CA GLY B 5 -7.63 -5.48 -6.93
C GLY B 5 -8.25 -5.11 -5.62
N PRO B 6 -9.45 -5.64 -5.33
CA PRO B 6 -10.24 -5.13 -4.21
C PRO B 6 -9.49 -5.22 -2.87
N TYR B 7 -9.23 -4.05 -2.28
CA TYR B 7 -8.71 -3.95 -0.91
C TYR B 7 -9.89 -3.78 0.05
N GLN B 8 -9.82 -4.48 1.17
CA GLN B 8 -10.82 -4.30 2.22
C GLN B 8 -10.63 -2.96 2.93
N SER B 9 -11.71 -2.46 3.52
CA SER B 9 -11.69 -1.19 4.24
C SER B 9 -10.58 -1.19 5.30
N THR B 10 -9.85 -0.08 5.39
CA THR B 10 -8.70 -0.01 6.28
C THR B 10 -8.34 1.45 6.51
N SER B 11 -7.47 1.67 7.50
CA SER B 11 -6.90 2.98 7.82
C SER B 11 -5.41 2.95 7.50
N PHE B 12 -4.98 3.84 6.61
CA PHE B 12 -3.59 3.86 6.19
C PHE B 12 -3.26 5.23 5.60
N LYS B 13 -1.97 5.52 5.50
CA LYS B 13 -1.51 6.71 4.79
C LYS B 13 -1.21 6.32 3.35
N PRO B 14 -2.01 6.74 2.38
CA PRO B 14 -1.77 6.34 0.99
C PRO B 14 -0.48 6.92 0.47
N PRO B 15 0.28 6.15 -0.30
CA PRO B 15 1.46 6.71 -0.96
C PRO B 15 1.06 7.77 -1.98
N SER B 16 1.91 8.77 -2.14
CA SER B 16 1.63 9.83 -3.09
C SER B 16 1.58 9.29 -4.51
N ASP B 17 0.85 9.99 -5.37
CA ASP B 17 0.74 9.69 -6.79
C ASP B 17 0.09 8.32 -7.04
N TYR B 18 -0.81 7.92 -6.14
CA TYR B 18 -1.64 6.73 -6.34
C TYR B 18 -3.09 7.12 -6.10
N TRP B 19 -3.95 6.89 -7.08
CA TRP B 19 -5.38 7.12 -6.91
C TRP B 19 -6.00 5.99 -6.09
N ILE B 20 -6.68 6.35 -5.02
CA ILE B 20 -7.56 5.43 -4.30
C ILE B 20 -8.94 5.54 -4.93
N LEU B 21 -9.43 4.44 -5.49
CA LEU B 21 -10.76 4.41 -6.13
C LEU B 21 -11.70 3.64 -5.22
N LEU B 22 -12.55 4.36 -4.51
CA LEU B 22 -13.49 3.76 -3.57
C LEU B 22 -14.70 3.19 -4.31
N ASN B 23 -15.15 2.01 -3.86
CA ASN B 23 -16.26 1.29 -4.47
C ASN B 23 -17.37 1.01 -3.46
N PRO B 24 -18.05 2.04 -2.98
CA PRO B 24 -19.11 1.83 -1.98
C PRO B 24 -20.41 1.34 -2.62
N THR B 25 -21.23 0.72 -1.78
CA THR B 25 -22.54 0.22 -2.19
C THR B 25 -23.68 0.98 -1.54
N ASN B 26 -23.56 1.34 -0.27
CA ASN B 26 -24.64 1.93 0.49
C ASN B 26 -24.25 3.34 0.93
N GLN B 27 -25.27 4.19 1.10
CA GLN B 27 -25.04 5.55 1.59
C GLN B 27 -24.36 5.51 2.96
N GLN B 28 -23.30 6.30 3.11
CA GLN B 28 -22.44 6.21 4.29
C GLN B 28 -21.31 7.23 4.17
N VAL B 29 -20.59 7.40 5.28
CA VAL B 29 -19.26 8.01 5.26
C VAL B 29 -18.30 6.99 4.64
N VAL B 30 -17.78 7.29 3.46
CA VAL B 30 -16.92 6.34 2.77
C VAL B 30 -15.43 6.64 2.98
N LEU B 31 -15.07 7.87 3.34
CA LEU B 31 -13.66 8.20 3.55
C LEU B 31 -13.55 9.31 4.58
N GLU B 32 -12.56 9.20 5.45
CA GLU B 32 -12.11 10.29 6.29
C GLU B 32 -10.61 10.43 6.12
N GLY B 33 -10.17 11.63 5.78
CA GLY B 33 -8.76 11.87 5.56
C GLY B 33 -8.29 13.12 6.28
N THR B 34 -7.18 13.02 7.01
CA THR B 34 -6.63 14.19 7.68
C THR B 34 -5.18 13.94 8.03
N ASN B 35 -4.45 15.03 8.22
CA ASN B 35 -3.11 15.01 8.81
C ASN B 35 -3.11 15.60 10.22
N LYS B 36 -4.29 15.90 10.76
CA LYS B 36 -4.51 16.46 12.09
C LYS B 36 -3.94 17.85 12.25
N THR B 37 -3.50 18.51 11.17
CA THR B 37 -2.96 19.86 11.28
C THR B 37 -3.79 20.84 10.47
N ASP B 38 -3.83 20.73 9.14
CA ASP B 38 -4.42 21.78 8.32
C ASP B 38 -5.38 21.26 7.26
N ILE B 39 -5.70 19.96 7.25
CA ILE B 39 -6.61 19.42 6.26
C ILE B 39 -7.46 18.33 6.90
N TRP B 40 -8.78 18.45 6.76
CA TRP B 40 -9.73 17.40 7.10
C TRP B 40 -10.69 17.27 5.93
N VAL B 41 -10.76 16.07 5.35
CA VAL B 41 -11.64 15.81 4.23
C VAL B 41 -12.49 14.59 4.54
N ALA B 42 -13.77 14.65 4.20
CA ALA B 42 -14.70 13.54 4.39
C ALA B 42 -15.64 13.47 3.19
N LEU B 43 -15.80 12.26 2.64
CA LEU B 43 -16.72 12.02 1.53
C LEU B 43 -17.94 11.27 2.06
N LEU B 44 -19.12 11.89 1.92
CA LEU B 44 -20.37 11.27 2.34
C LEU B 44 -21.15 10.85 1.11
N LEU B 45 -21.52 9.57 1.07
CA LEU B 45 -22.32 9.04 -0.03
C LEU B 45 -23.80 9.23 0.28
N VAL B 46 -24.52 9.86 -0.63
CA VAL B 46 -25.94 10.15 -0.48
C VAL B 46 -26.70 9.44 -1.59
N GLU B 47 -27.66 8.60 -1.20
CA GLU B 47 -28.44 7.84 -2.16
C GLU B 47 -29.36 8.77 -2.95
N PRO B 48 -29.88 8.30 -4.09
CA PRO B 48 -30.77 9.16 -4.89
C PRO B 48 -32.05 9.51 -4.15
N ASN B 49 -32.64 10.64 -4.54
CA ASN B 49 -33.97 11.09 -4.11
C ASN B 49 -34.06 11.19 -2.58
N VAL B 50 -33.31 12.17 -2.05
CA VAL B 50 -33.30 12.47 -0.61
C VAL B 50 -33.58 13.96 -0.46
N THR B 51 -34.69 14.30 0.19
CA THR B 51 -35.11 15.70 0.36
C THR B 51 -34.72 16.21 1.75
N ASN B 52 -33.99 17.32 1.77
CA ASN B 52 -33.69 18.12 2.96
C ASN B 52 -33.56 17.36 4.28
N GLN B 53 -32.73 16.33 4.32
CA GLN B 53 -32.64 15.47 5.50
C GLN B 53 -31.43 15.84 6.35
N SER B 54 -31.62 15.85 7.66
CA SER B 54 -30.52 16.08 8.62
C SER B 54 -30.05 14.71 9.09
N ARG B 55 -28.87 14.30 8.63
CA ARG B 55 -28.34 12.98 8.95
C ARG B 55 -27.18 13.07 9.92
N GLN B 56 -27.01 12.01 10.71
CA GLN B 56 -25.97 11.95 11.73
C GLN B 56 -24.76 11.20 11.18
N TYR B 57 -23.60 11.83 11.25
CA TYR B 57 -22.35 11.24 10.80
C TYR B 57 -21.31 11.34 11.90
N THR B 58 -20.41 10.36 11.92
CA THR B 58 -19.25 10.38 12.81
C THR B 58 -18.03 10.72 11.95
N LEU B 59 -17.43 11.87 12.20
CA LEU B 59 -16.27 12.35 11.44
C LEU B 59 -15.12 12.60 12.41
N PHE B 60 -14.07 11.80 12.29
CA PHE B 60 -12.86 11.95 13.10
C PHE B 60 -13.19 11.89 14.59
N GLY B 61 -14.10 10.98 14.96
CA GLY B 61 -14.52 10.81 16.33
C GLY B 61 -15.53 11.81 16.84
N GLU B 62 -16.06 12.68 15.97
CA GLU B 62 -17.02 13.70 16.35
C GLU B 62 -18.37 13.42 15.72
N THR B 63 -19.43 13.59 16.51
CA THR B 63 -20.80 13.38 16.03
C THR B 63 -21.32 14.68 15.43
N LYS B 64 -21.65 14.64 14.14
CA LYS B 64 -22.08 15.82 13.41
C LYS B 64 -23.44 15.55 12.75
N GLN B 65 -24.30 16.56 12.75
CA GLN B 65 -25.52 16.54 11.96
C GLN B 65 -25.27 17.37 10.71
N ILE B 66 -25.50 16.78 9.54
CA ILE B 66 -25.26 17.43 8.26
C ILE B 66 -26.51 17.31 7.43
N THR B 67 -27.04 18.43 6.97
CA THR B 67 -28.22 18.43 6.10
C THR B 67 -27.79 18.06 4.69
N VAL B 68 -28.31 16.95 4.19
CA VAL B 68 -27.97 16.45 2.86
C VAL B 68 -29.24 16.40 2.02
N GLU B 69 -29.06 16.59 0.72
CA GLU B 69 -30.17 16.52 -0.22
C GLU B 69 -29.64 16.01 -1.55
N ASN B 70 -30.46 15.22 -2.24
CA ASN B 70 -30.11 14.67 -3.55
C ASN B 70 -31.41 14.59 -4.35
N ASN B 71 -31.65 15.62 -5.17
CA ASN B 71 -32.85 15.71 -5.98
C ASN B 71 -32.74 14.94 -7.30
N THR B 72 -31.71 14.12 -7.45
CA THR B 72 -31.48 13.41 -8.70
C THR B 72 -31.67 11.92 -8.49
N ASN B 73 -31.71 11.19 -9.61
CA ASN B 73 -31.74 9.74 -9.58
C ASN B 73 -30.35 9.14 -9.45
N LYS B 74 -29.31 9.95 -9.45
CA LYS B 74 -27.94 9.50 -9.27
C LYS B 74 -27.51 9.62 -7.82
N TRP B 75 -26.37 9.02 -7.51
CA TRP B 75 -25.76 9.12 -6.19
C TRP B 75 -24.85 10.34 -6.11
N LYS B 76 -24.80 10.95 -4.94
CA LYS B 76 -23.95 12.13 -4.72
C LYS B 76 -22.95 11.86 -3.60
N PHE B 77 -21.70 12.19 -3.85
CA PHE B 77 -20.65 12.19 -2.84
C PHE B 77 -20.46 13.62 -2.35
N PHE B 78 -20.85 13.88 -1.10
CA PHE B 78 -20.62 15.18 -0.49
C PHE B 78 -19.18 15.25 0.01
N GLU B 79 -18.41 16.22 -0.50
CA GLU B 79 -17.04 16.44 -0.04
C GLU B 79 -17.07 17.49 1.08
N MET B 80 -17.02 17.01 2.32
CA MET B 80 -16.94 17.88 3.48
C MET B 80 -15.49 18.24 3.78
N PHE B 81 -15.27 19.51 4.12
CA PHE B 81 -13.92 20.03 4.23
C PHE B 81 -13.82 21.04 5.38
N ARG B 82 -12.69 21.00 6.08
CA ARG B 82 -12.33 22.02 7.06
C ARG B 82 -10.82 22.11 7.12
N SER B 83 -10.31 23.31 7.39
CA SER B 83 -8.87 23.55 7.49
C SER B 83 -8.38 23.64 8.93
N SER B 84 -9.28 23.65 9.90
CA SER B 84 -8.92 23.74 11.31
C SER B 84 -9.83 22.81 12.10
N VAL B 85 -9.24 22.11 13.09
CA VAL B 85 -10.01 21.15 13.88
C VAL B 85 -11.14 21.84 14.60
N SER B 86 -10.99 23.13 14.92
CA SER B 86 -12.00 23.88 15.66
C SER B 86 -13.22 24.25 14.81
N ALA B 87 -13.11 24.22 13.48
CA ALA B 87 -14.18 24.69 12.63
C ALA B 87 -15.19 23.59 12.35
N GLU B 88 -16.35 23.99 11.83
CA GLU B 88 -17.35 23.06 11.34
C GLU B 88 -17.06 22.71 9.89
N PHE B 89 -17.56 21.56 9.47
CA PHE B 89 -17.33 21.12 8.10
C PHE B 89 -18.18 21.92 7.12
N GLN B 90 -17.56 22.18 5.97
CA GLN B 90 -18.11 22.90 4.83
C GLN B 90 -18.33 21.95 3.67
N HIS B 91 -19.47 22.09 2.99
CA HIS B 91 -19.76 21.28 1.80
C HIS B 91 -19.02 21.93 0.64
N LYS B 92 -17.82 21.42 0.36
CA LYS B 92 -16.93 22.11 -0.56
C LYS B 92 -17.25 21.74 -2.01
N ARG B 93 -17.33 20.46 -2.33
CA ARG B 93 -17.59 20.00 -3.69
C ARG B 93 -18.54 18.80 -3.64
N THR B 94 -18.99 18.38 -4.81
CA THR B 94 -19.94 17.27 -4.91
C THR B 94 -19.65 16.46 -6.16
N LEU B 95 -19.68 15.13 -6.02
CA LEU B 95 -19.54 14.19 -7.13
C LEU B 95 -20.88 13.49 -7.31
N THR B 96 -21.60 13.85 -8.36
CA THR B 96 -22.88 13.23 -8.69
C THR B 96 -22.63 12.11 -9.69
N SER B 97 -22.97 10.88 -9.32
CA SER B 97 -22.47 9.70 -10.01
C SER B 97 -23.53 8.62 -10.13
N ASP B 98 -23.55 7.97 -11.30
CA ASP B 98 -24.26 6.72 -11.49
C ASP B 98 -23.34 5.51 -11.32
N THR B 99 -22.03 5.74 -11.26
CA THR B 99 -21.04 4.70 -11.06
C THR B 99 -20.86 4.34 -9.60
N LYS B 100 -21.18 5.26 -8.69
CA LYS B 100 -20.98 5.10 -7.25
C LYS B 100 -19.51 4.84 -6.92
N LEU B 101 -18.61 5.42 -7.71
CA LEU B 101 -17.17 5.41 -7.41
C LEU B 101 -16.70 6.82 -7.10
N ALA B 102 -15.70 6.89 -6.22
CA ALA B 102 -15.05 8.15 -5.85
C ALA B 102 -13.55 7.96 -5.88
N GLY B 103 -12.82 9.07 -5.79
CA GLY B 103 -11.38 9.04 -5.90
C GLY B 103 -10.71 9.90 -4.84
N PHE B 104 -9.52 9.45 -4.43
CA PHE B 104 -8.70 10.19 -3.48
C PHE B 104 -7.24 10.04 -3.88
N LEU B 105 -6.54 11.17 -4.02
CA LEU B 105 -5.14 11.13 -4.43
C LEU B 105 -4.34 12.19 -3.69
N LYS B 106 -3.17 11.80 -3.20
CA LYS B 106 -2.19 12.69 -2.61
C LYS B 106 -1.14 13.01 -3.68
N HIS B 107 -1.03 14.28 -4.06
CA HIS B 107 -0.05 14.65 -5.08
C HIS B 107 0.39 16.09 -4.95
N TYR B 108 1.70 16.30 -4.86
CA TYR B 108 2.33 17.61 -4.97
C TYR B 108 1.65 18.65 -4.06
N ASN B 109 1.78 18.41 -2.77
CA ASN B 109 1.31 19.32 -1.72
C ASN B 109 -0.20 19.49 -1.69
N SER B 110 -0.96 18.69 -2.43
CA SER B 110 -2.41 18.81 -2.46
C SER B 110 -3.07 17.45 -2.39
N VAL B 111 -4.34 17.48 -1.97
CA VAL B 111 -5.22 16.31 -1.93
C VAL B 111 -6.22 16.45 -3.06
N TRP B 112 -6.26 15.48 -3.96
CA TRP B 112 -7.09 15.54 -5.15
C TRP B 112 -8.31 14.63 -5.02
N THR B 113 -9.49 15.16 -5.38
CA THR B 113 -10.73 14.40 -5.44
C THR B 113 -11.39 14.64 -6.79
N PHE B 114 -12.53 13.99 -7.00
CA PHE B 114 -13.33 14.14 -8.21
C PHE B 114 -14.62 14.88 -7.88
N HIS B 115 -15.05 15.75 -8.78
CA HIS B 115 -16.34 16.42 -8.64
C HIS B 115 -16.95 16.61 -10.02
N GLY B 116 -18.14 17.20 -10.05
CA GLY B 116 -18.91 17.27 -11.27
C GLY B 116 -19.92 16.14 -11.35
N GLU B 117 -20.40 15.89 -12.57
CA GLU B 117 -21.39 14.86 -12.79
C GLU B 117 -20.91 13.91 -13.88
N THR B 118 -21.04 12.61 -13.63
CA THR B 118 -20.69 11.61 -14.62
C THR B 118 -21.62 11.74 -15.82
N PRO B 119 -21.13 11.47 -17.03
CA PRO B 119 -19.77 11.00 -17.32
C PRO B 119 -18.77 12.12 -17.59
N HIS B 120 -18.95 13.29 -16.97
CA HIS B 120 -18.09 14.44 -17.20
C HIS B 120 -17.40 14.90 -15.91
N ALA B 121 -17.18 13.98 -14.97
CA ALA B 121 -16.53 14.33 -13.72
C ALA B 121 -15.06 14.62 -13.91
N THR B 122 -14.56 15.65 -13.20
CA THR B 122 -13.18 16.10 -13.32
C THR B 122 -12.54 16.15 -11.95
N THR B 123 -11.22 16.31 -11.96
CA THR B 123 -10.42 16.34 -10.75
C THR B 123 -10.24 17.77 -10.24
N ASP B 124 -10.12 17.90 -8.93
CA ASP B 124 -9.76 19.16 -8.29
C ASP B 124 -9.03 18.85 -6.99
N TYR B 125 -8.45 19.89 -6.38
CA TYR B 125 -7.54 19.68 -5.27
C TYR B 125 -7.80 20.67 -4.14
N SER B 126 -7.21 20.36 -2.99
CA SER B 126 -7.11 21.24 -1.84
C SER B 126 -5.69 21.18 -1.30
N SER B 127 -5.14 22.35 -0.97
CA SER B 127 -3.74 22.47 -0.56
C SER B 127 -3.56 22.09 0.90
N THR B 128 -2.37 21.55 1.21
CA THR B 128 -1.97 21.26 2.58
C THR B 128 -0.49 21.54 2.74
N SER B 129 -0.09 21.87 3.96
CA SER B 129 1.32 22.12 4.27
C SER B 129 2.04 20.85 4.74
N ASN B 130 1.32 19.76 5.01
CA ASN B 130 1.93 18.48 5.39
C ASN B 130 1.17 17.37 4.67
N LEU B 131 1.52 17.15 3.41
CA LEU B 131 0.86 16.12 2.61
C LEU B 131 1.20 14.72 3.09
N SER B 132 2.49 14.49 3.41
CA SER B 132 2.96 13.14 3.70
C SER B 132 2.21 12.52 4.88
N GLU B 133 1.70 13.34 5.78
CA GLU B 133 1.03 12.85 6.99
C GLU B 133 -0.49 12.81 6.83
N VAL B 134 -1.01 12.86 5.61
CA VAL B 134 -2.46 12.73 5.42
C VAL B 134 -2.82 11.25 5.46
N GLU B 135 -3.66 10.88 6.43
CA GLU B 135 -4.08 9.50 6.65
C GLU B 135 -5.55 9.34 6.34
N THR B 136 -5.91 8.24 5.69
CA THR B 136 -7.28 7.99 5.25
C THR B 136 -7.83 6.75 5.94
N THR B 137 -9.04 6.88 6.49
CA THR B 137 -9.82 5.74 6.94
C THR B 137 -10.83 5.47 5.83
N ILE B 138 -10.57 4.45 5.01
CA ILE B 138 -11.47 4.06 3.93
C ILE B 138 -12.49 3.10 4.51
N HIS B 139 -13.75 3.50 4.50
CA HIS B 139 -14.79 2.69 5.11
C HIS B 139 -15.26 1.54 4.22
N VAL B 140 -14.92 1.56 2.93
CA VAL B 140 -15.47 0.61 1.97
C VAL B 140 -14.34 -0.03 1.18
N GLU B 141 -14.71 -1.01 0.36
CA GLU B 141 -13.79 -1.60 -0.60
C GLU B 141 -13.31 -0.52 -1.56
N PHE B 142 -12.04 -0.60 -1.96
CA PHE B 142 -11.45 0.43 -2.80
C PHE B 142 -10.42 -0.21 -3.73
N TYR B 143 -10.01 0.53 -4.76
CA TYR B 143 -8.93 0.11 -5.64
C TYR B 143 -7.81 1.15 -5.59
N ILE B 144 -6.64 0.76 -6.09
CA ILE B 144 -5.48 1.64 -6.19
C ILE B 144 -5.05 1.68 -7.64
N ILE B 145 -4.95 2.89 -8.18
CA ILE B 145 -4.52 3.12 -9.57
C ILE B 145 -3.45 4.19 -9.60
N PRO B 146 -2.31 3.94 -10.25
CA PRO B 146 -1.25 4.97 -10.29
C PRO B 146 -1.67 6.21 -11.06
N ARG B 147 -1.02 7.32 -10.70
CA ARG B 147 -1.27 8.59 -11.37
C ARG B 147 -0.79 8.56 -12.82
N SER B 148 0.21 7.72 -13.11
CA SER B 148 0.65 7.49 -14.49
C SER B 148 -0.39 6.78 -15.32
N GLN B 149 -1.50 6.37 -14.71
CA GLN B 149 -2.66 5.80 -15.40
C GLN B 149 -3.92 6.53 -14.99
N GLU B 150 -3.78 7.84 -14.68
CA GLU B 150 -4.91 8.62 -14.19
C GLU B 150 -6.06 8.66 -15.20
N SER B 151 -5.76 8.65 -16.50
CA SER B 151 -6.82 8.65 -17.50
C SER B 151 -7.68 7.40 -17.38
N LYS B 152 -7.09 6.28 -16.98
CA LYS B 152 -7.88 5.09 -16.66
C LYS B 152 -8.78 5.34 -15.46
N CYS B 153 -8.23 5.97 -14.42
CA CYS B 153 -9.04 6.25 -13.23
C CYS B 153 -10.17 7.22 -13.55
N VAL B 154 -9.88 8.25 -14.36
CA VAL B 154 -10.93 9.16 -14.82
C VAL B 154 -12.01 8.37 -15.55
N GLU B 155 -11.58 7.47 -16.43
CA GLU B 155 -12.54 6.64 -17.17
C GLU B 155 -13.42 5.85 -16.22
N TYR B 156 -12.82 5.16 -15.24
CA TYR B 156 -13.60 4.39 -14.27
C TYR B 156 -14.57 5.28 -13.49
N ILE B 157 -14.12 6.48 -13.10
CA ILE B 157 -14.96 7.40 -12.35
C ILE B 157 -16.24 7.71 -13.13
N ASN B 158 -16.13 7.90 -14.44
CA ASN B 158 -17.24 8.38 -15.25
C ASN B 158 -18.11 7.27 -15.82
N THR B 159 -17.54 6.10 -16.10
CA THR B 159 -18.30 5.04 -16.74
C THR B 159 -18.16 3.68 -16.05
N GLY B 160 -17.43 3.58 -14.95
CA GLY B 160 -17.38 2.36 -14.17
C GLY B 160 -16.26 1.43 -14.55
N LEU B 161 -16.10 0.39 -13.74
CA LEU B 161 -15.05 -0.61 -13.95
C LEU B 161 -15.41 -1.53 -15.11
S SO4 C . 22.86 -10.95 -9.65
O1 SO4 C . 22.54 -12.16 -10.41
O2 SO4 C . 21.78 -9.98 -9.82
O3 SO4 C . 24.12 -10.40 -10.12
O4 SO4 C . 22.98 -11.28 -8.23
S SO4 D . -20.62 -0.79 1.62
O1 SO4 D . -21.94 -0.39 2.07
O2 SO4 D . -20.19 0.06 0.51
O3 SO4 D . -19.67 -0.64 2.72
O4 SO4 D . -20.66 -2.19 1.19
#